data_5EUR
#
_entry.id   5EUR
#
_cell.length_a   87.399
_cell.length_b   50.411
_cell.length_c   99.921
_cell.angle_alpha   90.00
_cell.angle_beta   104.10
_cell.angle_gamma   90.00
#
_symmetry.space_group_name_H-M   'C 1 2 1'
#
loop_
_entity.id
_entity.type
_entity.pdbx_description
1 polymer 'Uncharacterized protein'
2 non-polymer 'MAGNESIUM ION'
3 non-polymer 'SULFATE ION'
4 water water
#
_entity_poly.entity_id   1
_entity_poly.type   'polypeptide(L)'
_entity_poly.pdbx_seq_one_letter_code
;MSISYRKLDIALSADKETVLVFGQELSTKYFTEIVVTTMLNSTGSDMANSNRILNDIHAAGLDAGDYGKYSRWWAQSNAQ
ERQEAERRRKEAKAHQERMAAIHATPEEIAKAVAERKAREEALIKRFGNKGAAFGL
;
_entity_poly.pdbx_strand_id   A,B,C
#
loop_
_chem_comp.id
_chem_comp.type
_chem_comp.name
_chem_comp.formula
MG non-polymer 'MAGNESIUM ION' 'Mg 2'
SO4 non-polymer 'SULFATE ION' 'O4 S -2'
#
# COMPACT_ATOMS: atom_id res chain seq x y z
N SER A 2 -16.07 8.98 1.60
CA SER A 2 -14.65 8.72 1.82
C SER A 2 -13.89 10.01 1.61
N ILE A 3 -12.66 10.09 2.09
CA ILE A 3 -11.88 11.30 1.82
C ILE A 3 -11.15 11.11 0.50
N SER A 4 -11.01 12.20 -0.26
CA SER A 4 -10.42 12.10 -1.57
C SER A 4 -8.90 12.10 -1.49
N TYR A 5 -8.29 11.59 -2.56
CA TYR A 5 -6.86 11.68 -2.77
C TYR A 5 -6.55 12.94 -3.57
N ARG A 6 -5.35 13.45 -3.37
CA ARG A 6 -4.88 14.50 -4.26
C ARG A 6 -4.66 13.89 -5.65
N LYS A 7 -4.49 14.75 -6.65
CA LYS A 7 -4.17 14.27 -7.99
C LYS A 7 -2.99 13.32 -7.95
N LEU A 8 -3.18 12.11 -8.47
CA LEU A 8 -2.17 11.08 -8.31
C LEU A 8 -0.98 11.35 -9.21
N ASP A 9 0.19 11.43 -8.60
CA ASP A 9 1.45 11.68 -9.28
C ASP A 9 1.99 10.32 -9.69
N ILE A 10 1.63 9.87 -10.90
CA ILE A 10 2.00 8.55 -11.39
C ILE A 10 2.73 8.69 -12.72
N ALA A 11 3.92 8.10 -12.80
CA ALA A 11 4.64 8.00 -14.07
C ALA A 11 4.95 6.53 -14.31
N LEU A 12 4.68 6.06 -15.53
CA LEU A 12 4.98 4.70 -15.91
C LEU A 12 6.37 4.66 -16.53
N SER A 13 7.16 3.67 -16.14
CA SER A 13 8.52 3.52 -16.63
C SER A 13 8.52 3.18 -18.11
N ALA A 14 9.66 3.44 -18.77
CA ALA A 14 9.75 3.19 -20.21
C ALA A 14 9.51 1.72 -20.52
N ASP A 15 10.07 0.81 -19.72
CA ASP A 15 9.83 -0.60 -19.96
C ASP A 15 8.50 -1.08 -19.35
N LYS A 16 7.74 -0.18 -18.73
CA LYS A 16 6.42 -0.39 -18.14
C LYS A 16 6.45 -1.27 -16.91
N GLU A 17 7.62 -1.69 -16.44
CA GLU A 17 7.63 -2.65 -15.34
C GLU A 17 7.49 -2.00 -13.97
N THR A 18 7.75 -0.69 -13.85
CA THR A 18 7.55 0.01 -12.59
C THR A 18 6.78 1.31 -12.81
N VAL A 19 6.24 1.83 -11.72
CA VAL A 19 5.62 3.14 -11.70
C VAL A 19 6.33 3.95 -10.62
N LEU A 20 6.27 5.26 -10.77
CA LEU A 20 6.76 6.22 -9.79
C LEU A 20 5.54 7.00 -9.31
N VAL A 21 5.18 6.78 -8.05
CA VAL A 21 3.96 7.29 -7.44
C VAL A 21 4.37 8.12 -6.25
N PHE A 22 4.20 9.45 -6.34
CA PHE A 22 4.56 10.35 -5.24
C PHE A 22 5.99 10.07 -4.74
N GLY A 23 6.92 9.91 -5.69
CA GLY A 23 8.32 9.69 -5.38
C GLY A 23 8.71 8.27 -5.02
N GLN A 24 7.75 7.35 -4.98
CA GLN A 24 8.00 5.97 -4.60
C GLN A 24 7.94 5.09 -5.83
N GLU A 25 9.01 4.34 -6.08
CA GLU A 25 9.01 3.39 -7.18
C GLU A 25 8.42 2.07 -6.70
N LEU A 26 7.48 1.54 -7.48
CA LEU A 26 6.81 0.28 -7.18
C LEU A 26 6.71 -0.54 -8.46
N SER A 27 6.69 -1.87 -8.31
CA SER A 27 6.39 -2.67 -9.49
C SER A 27 5.00 -2.32 -9.97
N THR A 28 4.83 -2.24 -11.30
CA THR A 28 3.54 -1.84 -11.86
C THR A 28 2.44 -2.77 -11.40
N LYS A 29 2.70 -4.08 -11.42
CA LYS A 29 1.67 -5.04 -11.05
C LYS A 29 1.29 -4.91 -9.57
N TYR A 30 2.26 -4.64 -8.69
CA TYR A 30 1.89 -4.42 -7.29
C TYR A 30 0.99 -3.21 -7.18
N PHE A 31 1.33 -2.12 -7.88
CA PHE A 31 0.49 -0.93 -7.80
C PHE A 31 -0.91 -1.20 -8.34
N THR A 32 -1.03 -1.84 -9.50
CA THR A 32 -2.35 -1.98 -10.09
C THR A 32 -3.17 -3.10 -9.45
N GLU A 33 -2.55 -4.17 -9.00
CA GLU A 33 -3.29 -5.29 -8.43
C GLU A 33 -3.59 -5.11 -6.93
N ILE A 34 -2.67 -4.50 -6.18
CA ILE A 34 -2.87 -4.34 -4.74
C ILE A 34 -3.28 -2.91 -4.39
N VAL A 35 -2.46 -1.92 -4.78
CA VAL A 35 -2.65 -0.57 -4.26
C VAL A 35 -3.94 0.04 -4.79
N VAL A 36 -4.13 0.05 -6.11
CA VAL A 36 -5.30 0.72 -6.67
C VAL A 36 -6.58 0.01 -6.24
N THR A 37 -6.58 -1.32 -6.28
CA THR A 37 -7.75 -2.07 -5.84
C THR A 37 -8.14 -1.69 -4.42
N THR A 38 -7.14 -1.56 -3.54
CA THR A 38 -7.44 -1.24 -2.16
C THR A 38 -7.92 0.20 -2.01
N MET A 39 -7.31 1.13 -2.75
CA MET A 39 -7.79 2.52 -2.74
C MET A 39 -9.26 2.59 -3.11
N LEU A 40 -9.62 1.90 -4.21
CA LEU A 40 -11.00 1.93 -4.69
C LEU A 40 -11.95 1.28 -3.70
N ASN A 41 -11.60 0.08 -3.21
CA ASN A 41 -12.44 -0.57 -2.21
C ASN A 41 -12.66 0.33 -0.99
N SER A 42 -11.61 1.04 -0.57
CA SER A 42 -11.74 1.91 0.60
C SER A 42 -12.64 3.11 0.33
N THR A 43 -12.90 3.45 -0.94
CA THR A 43 -13.91 4.49 -1.16
C THR A 43 -15.34 4.03 -0.90
N GLY A 44 -15.60 2.73 -0.80
CA GLY A 44 -16.96 2.26 -0.58
C GLY A 44 -17.88 2.54 -1.76
N SER A 45 -18.92 3.34 -1.54
CA SER A 45 -19.82 3.71 -2.62
C SER A 45 -19.69 5.19 -2.99
N ASP A 46 -18.54 5.80 -2.69
CA ASP A 46 -18.27 7.21 -3.00
C ASP A 46 -17.77 7.30 -4.44
N MET A 47 -18.74 7.25 -5.36
CA MET A 47 -18.47 7.18 -6.80
C MET A 47 -17.70 8.40 -7.30
N ALA A 48 -17.92 9.57 -6.70
CA ALA A 48 -17.16 10.75 -7.11
C ALA A 48 -15.67 10.55 -6.84
N ASN A 49 -15.34 9.98 -5.68
CA ASN A 49 -13.94 9.76 -5.34
C ASN A 49 -13.34 8.68 -6.23
N SER A 50 -14.06 7.57 -6.42
CA SER A 50 -13.49 6.51 -7.26
C SER A 50 -13.35 6.98 -8.70
N ASN A 51 -14.26 7.84 -9.16
CA ASN A 51 -14.09 8.40 -10.50
C ASN A 51 -12.82 9.23 -10.60
N ARG A 52 -12.52 10.05 -9.57
CA ARG A 52 -11.28 10.80 -9.56
C ARG A 52 -10.07 9.89 -9.66
N ILE A 53 -10.02 8.87 -8.79
CA ILE A 53 -8.91 7.93 -8.80
C ILE A 53 -8.72 7.35 -10.19
N LEU A 54 -9.81 6.87 -10.80
CA LEU A 54 -9.69 6.17 -12.08
C LEU A 54 -9.35 7.13 -13.21
N ASN A 55 -9.76 8.39 -13.13
CA ASN A 55 -9.29 9.35 -14.11
C ASN A 55 -7.78 9.52 -14.01
N ASP A 56 -7.22 9.52 -12.79
CA ASP A 56 -5.76 9.61 -12.68
C ASP A 56 -5.06 8.34 -13.16
N ILE A 57 -5.69 7.18 -12.91
CA ILE A 57 -5.16 5.92 -13.42
C ILE A 57 -5.11 5.94 -14.94
N HIS A 58 -6.22 6.36 -15.57
CA HIS A 58 -6.29 6.45 -17.03
C HIS A 58 -5.27 7.45 -17.56
N ALA A 59 -5.17 8.61 -16.92
CA ALA A 59 -4.24 9.65 -17.37
C ALA A 59 -2.80 9.18 -17.32
N ALA A 60 -2.46 8.28 -16.40
CA ALA A 60 -1.09 7.80 -16.30
C ALA A 60 -0.74 6.72 -17.32
N GLY A 61 -1.69 6.29 -18.13
CA GLY A 61 -1.42 5.22 -19.07
C GLY A 61 -1.73 3.83 -18.56
N LEU A 62 -2.36 3.72 -17.40
CA LEU A 62 -2.73 2.45 -16.81
C LEU A 62 -4.16 2.09 -17.19
N ASP A 63 -4.56 0.85 -16.88
CA ASP A 63 -5.88 0.36 -17.30
C ASP A 63 -6.92 0.68 -16.25
N ALA A 64 -7.72 1.72 -16.49
CA ALA A 64 -8.76 2.10 -15.55
C ALA A 64 -10.00 1.23 -15.67
N GLY A 65 -10.01 0.28 -16.61
CA GLY A 65 -11.14 -0.60 -16.76
C GLY A 65 -11.07 -1.90 -15.99
N ASP A 66 -10.01 -2.12 -15.20
CA ASP A 66 -9.76 -3.41 -14.57
C ASP A 66 -10.36 -3.52 -13.17
N TYR A 67 -11.30 -2.67 -12.80
CA TYR A 67 -11.74 -2.56 -11.42
C TYR A 67 -13.26 -2.67 -11.27
N GLY A 68 -13.84 -3.64 -11.98
CA GLY A 68 -15.22 -4.03 -11.73
C GLY A 68 -16.20 -2.88 -11.69
N LYS A 69 -17.02 -2.87 -10.65
CA LYS A 69 -18.08 -1.86 -10.54
C LYS A 69 -17.52 -0.45 -10.59
N TYR A 70 -16.34 -0.23 -9.98
CA TYR A 70 -15.76 1.11 -10.03
C TYR A 70 -15.44 1.49 -11.47
N SER A 71 -14.91 0.54 -12.24
CA SER A 71 -14.64 0.83 -13.66
C SER A 71 -15.93 1.08 -14.46
N ARG A 72 -16.97 0.31 -14.20
CA ARG A 72 -18.21 0.52 -14.96
C ARG A 72 -18.82 1.88 -14.64
N TRP A 73 -18.85 2.24 -13.34
CA TRP A 73 -19.23 3.58 -12.95
C TRP A 73 -18.41 4.64 -13.67
N TRP A 74 -17.08 4.47 -13.68
CA TRP A 74 -16.21 5.49 -14.28
C TRP A 74 -16.47 5.61 -15.77
N ALA A 75 -16.67 4.48 -16.45
CA ALA A 75 -16.85 4.47 -17.90
C ALA A 75 -18.14 5.12 -18.32
N GLN A 76 -19.15 5.12 -17.45
CA GLN A 76 -20.40 5.82 -17.77
C GLN A 76 -20.60 7.09 -16.95
N SER A 77 -19.49 7.71 -16.51
CA SER A 77 -19.41 8.90 -15.67
C SER A 77 -19.13 10.14 -16.53
N ASN A 78 -18.89 11.28 -15.85
CA ASN A 78 -18.75 12.59 -16.49
C ASN A 78 -17.81 12.54 -17.69
N ALA A 79 -18.38 12.78 -18.87
CA ALA A 79 -17.62 12.64 -20.11
C ALA A 79 -16.50 13.66 -20.19
N GLN A 80 -16.73 14.89 -19.73
CA GLN A 80 -15.69 15.91 -19.88
C GLN A 80 -14.50 15.65 -18.97
N GLU A 81 -14.74 15.24 -17.73
CA GLU A 81 -13.60 14.90 -16.87
C GLU A 81 -12.87 13.68 -17.42
N ARG A 82 -13.61 12.69 -17.91
CA ARG A 82 -12.97 11.55 -18.55
C ARG A 82 -12.14 12.01 -19.75
N GLN A 83 -12.64 13.00 -20.48
CA GLN A 83 -11.91 13.46 -21.66
C GLN A 83 -10.64 14.20 -21.28
N GLU A 84 -10.67 14.97 -20.19
CA GLU A 84 -9.43 15.59 -19.70
C GLU A 84 -8.42 14.52 -19.32
N ALA A 85 -8.89 13.44 -18.70
CA ALA A 85 -8.01 12.31 -18.43
C ALA A 85 -7.45 11.71 -19.72
N GLU A 86 -8.28 11.61 -20.75
CA GLU A 86 -7.82 11.05 -22.02
C GLU A 86 -6.76 11.94 -22.67
N ARG A 87 -6.92 13.25 -22.60
CA ARG A 87 -5.90 14.15 -23.12
C ARG A 87 -4.57 13.93 -22.41
N ARG A 88 -4.61 13.82 -21.07
CA ARG A 88 -3.39 13.56 -20.31
C ARG A 88 -2.78 12.20 -20.70
N ARG A 89 -3.64 11.19 -20.94
CA ARG A 89 -3.17 9.88 -21.34
C ARG A 89 -2.46 9.93 -22.68
N LYS A 90 -3.02 10.65 -23.65
CA LYS A 90 -2.38 10.75 -24.96
C LYS A 90 -1.03 11.46 -24.82
N GLU A 91 -0.94 12.46 -23.95
CA GLU A 91 0.35 13.10 -23.70
C GLU A 91 1.34 12.10 -23.10
N ALA A 92 0.86 11.24 -22.20
CA ALA A 92 1.73 10.22 -21.60
C ALA A 92 2.23 9.24 -22.67
N LYS A 93 1.35 8.78 -23.54
CA LYS A 93 1.76 7.86 -24.61
C LYS A 93 2.78 8.52 -25.54
N ALA A 94 2.59 9.81 -25.84
CA ALA A 94 3.57 10.51 -26.66
C ALA A 94 4.92 10.56 -25.97
N HIS A 95 4.93 10.78 -24.64
CA HIS A 95 6.17 10.73 -23.88
C HIS A 95 6.81 9.35 -23.96
N GLN A 96 6.01 8.28 -23.87
CA GLN A 96 6.55 6.93 -24.01
C GLN A 96 7.16 6.72 -25.39
N GLU A 97 6.54 7.31 -26.41
CA GLU A 97 7.07 7.14 -27.76
C GLU A 97 8.40 7.85 -27.92
N ARG A 98 8.50 9.09 -27.44
CA ARG A 98 9.77 9.80 -27.53
C ARG A 98 10.84 9.14 -26.65
N MET A 99 10.43 8.48 -25.56
CA MET A 99 11.40 7.74 -24.76
C MET A 99 11.87 6.48 -25.49
N ALA A 100 11.00 5.86 -26.28
CA ALA A 100 11.40 4.72 -27.09
C ALA A 100 12.26 5.17 -28.27
N ALA A 101 12.81 6.38 -28.18
CA ALA A 101 13.75 6.90 -29.17
C ALA A 101 15.08 7.20 -28.50
N ILE A 102 15.66 6.18 -27.88
CA ILE A 102 16.93 6.30 -27.16
C ILE A 102 17.55 4.90 -27.12
N HIS A 103 18.88 4.84 -27.12
CA HIS A 103 19.56 3.55 -26.99
C HIS A 103 20.51 3.56 -25.79
N ALA A 118 20.08 -8.96 -13.70
CA ALA A 118 20.74 -9.19 -12.43
C ALA A 118 19.81 -8.95 -11.23
N ARG A 119 18.57 -8.54 -11.51
CA ARG A 119 17.69 -8.31 -10.38
C ARG A 119 17.26 -9.67 -9.94
N GLU A 120 17.02 -10.53 -10.90
CA GLU A 120 16.60 -11.85 -10.65
C GLU A 120 17.51 -12.67 -9.78
N GLU A 121 18.77 -12.75 -10.12
CA GLU A 121 19.71 -13.53 -9.37
C GLU A 121 19.62 -13.21 -7.90
N ALA A 122 19.31 -11.97 -7.63
CA ALA A 122 19.22 -11.52 -6.27
C ALA A 122 17.95 -12.06 -5.68
N LEU A 123 16.88 -12.01 -6.44
CA LEU A 123 15.61 -12.49 -5.95
C LEU A 123 15.64 -13.99 -5.82
N ILE A 124 16.38 -14.64 -6.68
CA ILE A 124 16.47 -16.09 -6.62
C ILE A 124 17.16 -16.50 -5.34
N LYS A 125 18.17 -15.79 -4.94
CA LYS A 125 18.84 -16.15 -3.69
C LYS A 125 17.94 -15.94 -2.48
N ARG A 126 17.02 -14.97 -2.54
CA ARG A 126 16.17 -14.68 -1.38
C ARG A 126 14.88 -15.49 -1.37
N PHE A 127 14.29 -15.75 -2.55
CA PHE A 127 13.00 -16.41 -2.63
C PHE A 127 13.06 -17.75 -3.36
N GLY A 128 14.23 -18.18 -3.81
CA GLY A 128 14.34 -19.41 -4.56
C GLY A 128 13.94 -19.22 -6.01
N SER B 2 -17.28 -5.39 -2.34
CA SER B 2 -15.94 -4.97 -2.73
C SER B 2 -15.52 -5.68 -3.99
N ILE B 3 -14.53 -5.17 -4.67
CA ILE B 3 -14.03 -5.86 -5.84
C ILE B 3 -12.93 -6.81 -5.40
N SER B 4 -12.84 -7.94 -6.08
CA SER B 4 -11.92 -8.98 -5.68
C SER B 4 -10.50 -8.68 -6.14
N TYR B 5 -9.55 -9.29 -5.45
CA TYR B 5 -8.17 -9.30 -5.87
C TYR B 5 -7.94 -10.57 -6.70
N ARG B 6 -7.00 -10.49 -7.62
CA ARG B 6 -6.50 -11.69 -8.25
C ARG B 6 -5.76 -12.52 -7.20
N LYS B 7 -5.54 -13.79 -7.53
CA LYS B 7 -4.79 -14.65 -6.61
C LYS B 7 -3.49 -13.98 -6.22
N LEU B 8 -3.26 -13.82 -4.92
CA LEU B 8 -2.14 -12.99 -4.49
C LEU B 8 -0.84 -13.72 -4.73
N ASP B 9 0.05 -13.08 -5.49
CA ASP B 9 1.36 -13.61 -5.82
C ASP B 9 2.29 -13.21 -4.69
N ILE B 10 2.41 -14.08 -3.68
CA ILE B 10 3.22 -13.79 -2.49
C ILE B 10 4.25 -14.90 -2.30
N ALA B 11 5.50 -14.51 -2.19
CA ALA B 11 6.57 -15.42 -1.80
C ALA B 11 7.27 -14.87 -0.56
N LEU B 12 7.49 -15.71 0.43
CA LEU B 12 8.20 -15.31 1.63
C LEU B 12 9.69 -15.60 1.47
N SER B 13 10.53 -14.64 1.87
CA SER B 13 11.97 -14.79 1.74
C SER B 13 12.48 -15.90 2.65
N ALA B 14 13.68 -16.39 2.32
CA ALA B 14 14.28 -17.47 3.09
C ALA B 14 14.50 -17.06 4.55
N ASP B 15 14.97 -15.83 4.77
CA ASP B 15 15.16 -15.33 6.13
C ASP B 15 13.89 -14.78 6.75
N LYS B 16 12.76 -14.85 6.03
CA LYS B 16 11.41 -14.46 6.43
C LYS B 16 11.25 -12.95 6.60
N GLU B 17 12.28 -12.15 6.30
CA GLU B 17 12.21 -10.72 6.59
C GLU B 17 11.52 -9.91 5.50
N THR B 18 11.41 -10.44 4.29
CA THR B 18 10.68 -9.75 3.23
C THR B 18 9.74 -10.71 2.53
N VAL B 19 8.80 -10.12 1.79
CA VAL B 19 7.90 -10.83 0.91
C VAL B 19 8.06 -10.23 -0.48
N LEU B 20 7.78 -11.03 -1.49
CA LEU B 20 7.73 -10.61 -2.88
C LEU B 20 6.28 -10.75 -3.30
N VAL B 21 5.64 -9.60 -3.55
CA VAL B 21 4.20 -9.52 -3.83
C VAL B 21 4.05 -8.86 -5.19
N PHE B 22 3.61 -9.63 -6.20
CA PHE B 22 3.43 -9.10 -7.55
C PHE B 22 4.66 -8.35 -8.04
N GLY B 23 5.84 -8.93 -7.79
CA GLY B 23 7.09 -8.35 -8.24
C GLY B 23 7.67 -7.26 -7.36
N GLN B 24 7.00 -6.90 -6.28
CA GLN B 24 7.43 -5.85 -5.36
C GLN B 24 7.94 -6.48 -4.08
N GLU B 25 9.18 -6.17 -3.70
CA GLU B 25 9.71 -6.65 -2.43
C GLU B 25 9.34 -5.67 -1.31
N LEU B 26 8.81 -6.20 -0.22
CA LEU B 26 8.39 -5.40 0.93
C LEU B 26 8.87 -6.07 2.20
N SER B 27 9.11 -5.30 3.25
CA SER B 27 9.35 -5.92 4.53
C SER B 27 8.11 -6.73 4.92
N THR B 28 8.33 -7.91 5.49
CA THR B 28 7.20 -8.77 5.83
C THR B 28 6.27 -8.09 6.80
N LYS B 29 6.84 -7.37 7.78
CA LYS B 29 6.02 -6.72 8.79
C LYS B 29 5.20 -5.59 8.19
N TYR B 30 5.77 -4.83 7.24
CA TYR B 30 4.97 -3.81 6.57
C TYR B 30 3.80 -4.43 5.84
N PHE B 31 4.07 -5.51 5.10
CA PHE B 31 3.00 -6.17 4.35
C PHE B 31 1.92 -6.71 5.27
N THR B 32 2.29 -7.41 6.34
CA THR B 32 1.25 -8.03 7.17
C THR B 32 0.57 -7.04 8.10
N GLU B 33 1.28 -6.01 8.59
CA GLU B 33 0.69 -5.09 9.55
C GLU B 33 -0.09 -3.96 8.87
N ILE B 34 0.38 -3.48 7.73
CA ILE B 34 -0.27 -2.36 7.04
C ILE B 34 -1.09 -2.82 5.83
N VAL B 35 -0.43 -3.48 4.88
CA VAL B 35 -1.06 -3.74 3.60
C VAL B 35 -2.25 -4.69 3.77
N VAL B 36 -2.01 -5.87 4.38
CA VAL B 36 -3.08 -6.86 4.47
C VAL B 36 -4.23 -6.36 5.32
N THR B 37 -3.92 -5.71 6.47
CA THR B 37 -4.94 -5.14 7.32
C THR B 37 -5.83 -4.19 6.53
N THR B 38 -5.23 -3.35 5.68
CA THR B 38 -6.01 -2.37 4.90
C THR B 38 -6.82 -3.05 3.79
N MET B 39 -6.25 -4.06 3.14
CA MET B 39 -7.02 -4.81 2.15
C MET B 39 -8.28 -5.39 2.79
N LEU B 40 -8.10 -6.03 3.94
CA LEU B 40 -9.24 -6.68 4.59
C LEU B 40 -10.27 -5.65 5.04
N ASN B 41 -9.81 -4.58 5.71
CA ASN B 41 -10.75 -3.53 6.10
C ASN B 41 -11.52 -3.01 4.91
N SER B 42 -10.85 -2.83 3.76
CA SER B 42 -11.52 -2.29 2.57
C SER B 42 -12.57 -3.25 2.02
N THR B 43 -12.56 -4.53 2.43
CA THR B 43 -13.67 -5.41 2.02
C THR B 43 -14.96 -5.14 2.78
N GLY B 44 -14.91 -4.43 3.90
CA GLY B 44 -16.12 -4.19 4.67
C GLY B 44 -16.65 -5.48 5.24
N SER B 45 -17.86 -5.88 4.84
CA SER B 45 -18.42 -7.16 5.26
C SER B 45 -18.54 -8.14 4.10
N ASP B 46 -17.73 -7.95 3.05
CA ASP B 46 -17.72 -8.84 1.88
C ASP B 46 -16.86 -10.06 2.23
N MET B 47 -17.50 -10.98 2.96
CA MET B 47 -16.75 -12.13 3.47
C MET B 47 -16.20 -13.02 2.37
N ALA B 48 -16.85 -13.07 1.21
CA ALA B 48 -16.26 -13.88 0.13
C ALA B 48 -14.88 -13.36 -0.24
N ASN B 49 -14.76 -12.02 -0.33
CA ASN B 49 -13.47 -11.42 -0.66
C ASN B 49 -12.47 -11.58 0.49
N SER B 50 -12.90 -11.32 1.73
CA SER B 50 -11.93 -11.45 2.81
C SER B 50 -11.47 -12.90 3.00
N ASN B 51 -12.34 -13.88 2.79
CA ASN B 51 -11.91 -15.27 2.83
C ASN B 51 -10.92 -15.58 1.71
N ARG B 52 -11.13 -15.01 0.52
CA ARG B 52 -10.16 -15.21 -0.56
C ARG B 52 -8.78 -14.67 -0.18
N ILE B 53 -8.76 -13.43 0.32
CA ILE B 53 -7.50 -12.81 0.74
C ILE B 53 -6.81 -13.69 1.78
N LEU B 54 -7.55 -14.10 2.81
CA LEU B 54 -6.91 -14.83 3.90
C LEU B 54 -6.48 -16.24 3.48
N ASN B 55 -7.19 -16.88 2.55
CA ASN B 55 -6.68 -18.14 2.01
C ASN B 55 -5.36 -17.92 1.28
N ASP B 56 -5.21 -16.81 0.54
CA ASP B 56 -3.93 -16.56 -0.11
C ASP B 56 -2.81 -16.21 0.89
N ILE B 57 -3.16 -15.50 1.98
CA ILE B 57 -2.20 -15.21 3.04
C ILE B 57 -1.71 -16.52 3.67
N HIS B 58 -2.66 -17.41 3.99
CA HIS B 58 -2.32 -18.70 4.58
C HIS B 58 -1.47 -19.53 3.64
N ALA B 59 -1.85 -19.56 2.35
CA ALA B 59 -1.11 -20.34 1.36
C ALA B 59 0.32 -19.88 1.23
N ALA B 60 0.58 -18.59 1.45
CA ALA B 60 1.93 -18.08 1.34
C ALA B 60 2.81 -18.36 2.56
N GLY B 61 2.29 -18.95 3.61
CA GLY B 61 3.07 -19.17 4.81
C GLY B 61 2.98 -18.06 5.84
N LEU B 62 2.08 -17.09 5.64
CA LEU B 62 1.87 -15.99 6.56
C LEU B 62 0.73 -16.32 7.51
N ASP B 63 0.57 -15.49 8.54
CA ASP B 63 -0.41 -15.77 9.59
C ASP B 63 -1.76 -15.16 9.23
N ALA B 64 -2.68 -16.00 8.76
CA ALA B 64 -4.03 -15.58 8.42
C ALA B 64 -4.93 -15.42 9.62
N GLY B 65 -4.45 -15.73 10.83
CA GLY B 65 -5.23 -15.60 12.04
C GLY B 65 -5.11 -14.27 12.76
N ASP B 66 -4.36 -13.32 12.22
CA ASP B 66 -4.03 -12.09 12.94
C ASP B 66 -4.97 -10.93 12.65
N TYR B 67 -6.14 -11.18 12.09
CA TYR B 67 -6.98 -10.12 11.52
C TYR B 67 -8.40 -10.16 12.07
N GLY B 68 -8.53 -10.37 13.39
CA GLY B 68 -9.78 -10.14 14.09
C GLY B 68 -10.97 -10.81 13.45
N LYS B 69 -12.06 -10.04 13.27
CA LYS B 69 -13.29 -10.65 12.77
C LYS B 69 -13.06 -11.34 11.44
N TYR B 70 -12.19 -10.78 10.59
CA TYR B 70 -11.94 -11.43 9.30
C TYR B 70 -11.30 -12.80 9.49
N SER B 71 -10.36 -12.89 10.43
CA SER B 71 -9.76 -14.20 10.72
C SER B 71 -10.78 -15.16 11.33
N ARG B 72 -11.66 -14.67 12.21
CA ARG B 72 -12.66 -15.55 12.81
C ARG B 72 -13.63 -16.09 11.77
N TRP B 73 -14.09 -15.22 10.86
CA TRP B 73 -14.90 -15.69 9.74
C TRP B 73 -14.14 -16.71 8.93
N TRP B 74 -12.87 -16.42 8.62
CA TRP B 74 -12.11 -17.30 7.75
C TRP B 74 -11.92 -18.68 8.37
N ALA B 75 -11.69 -18.73 9.68
CA ALA B 75 -11.43 -20.01 10.35
C ALA B 75 -12.63 -20.94 10.28
N GLN B 76 -13.84 -20.39 10.17
CA GLN B 76 -15.05 -21.18 10.06
C GLN B 76 -15.52 -21.37 8.62
N SER B 77 -14.76 -20.86 7.65
CA SER B 77 -15.19 -20.83 6.26
C SER B 77 -14.98 -22.20 5.60
N ASN B 78 -15.34 -22.28 4.31
CA ASN B 78 -15.39 -23.54 3.57
C ASN B 78 -14.12 -24.35 3.77
N ALA B 79 -14.30 -25.52 4.35
CA ALA B 79 -13.17 -26.34 4.75
C ALA B 79 -12.34 -26.78 3.55
N GLN B 80 -12.98 -27.06 2.41
CA GLN B 80 -12.19 -27.52 1.27
C GLN B 80 -11.36 -26.39 0.68
N GLU B 81 -11.91 -25.19 0.59
CA GLU B 81 -11.10 -24.08 0.08
C GLU B 81 -9.96 -23.76 1.05
N ARG B 82 -10.23 -23.80 2.37
CA ARG B 82 -9.14 -23.66 3.33
C ARG B 82 -8.11 -24.77 3.16
N GLN B 83 -8.55 -25.99 2.86
CA GLN B 83 -7.60 -27.09 2.72
C GLN B 83 -6.75 -26.94 1.46
N GLU B 84 -7.32 -26.40 0.38
CA GLU B 84 -6.50 -26.10 -0.79
C GLU B 84 -5.44 -25.07 -0.43
N ALA B 85 -5.82 -24.07 0.38
CA ALA B 85 -4.81 -23.13 0.87
C ALA B 85 -3.75 -23.84 1.70
N GLU B 86 -4.17 -24.80 2.53
CA GLU B 86 -3.23 -25.52 3.37
C GLU B 86 -2.27 -26.35 2.54
N ARG B 87 -2.75 -26.96 1.46
CA ARG B 87 -1.86 -27.69 0.56
C ARG B 87 -0.79 -26.77 0.00
N ARG B 88 -1.21 -25.59 -0.48
CA ARG B 88 -0.21 -24.64 -0.99
C ARG B 88 0.75 -24.20 0.13
N ARG B 89 0.25 -24.05 1.36
CA ARG B 89 1.10 -23.65 2.47
C ARG B 89 2.15 -24.72 2.77
N LYS B 90 1.75 -25.98 2.77
CA LYS B 90 2.71 -27.05 3.01
C LYS B 90 3.75 -27.12 1.90
N GLU B 91 3.35 -26.87 0.65
CA GLU B 91 4.33 -26.82 -0.43
C GLU B 91 5.31 -25.66 -0.24
N ALA B 92 4.81 -24.49 0.18
CA ALA B 92 5.70 -23.37 0.46
C ALA B 92 6.66 -23.69 1.61
N LYS B 93 6.16 -24.39 2.63
CA LYS B 93 7.02 -24.77 3.76
C LYS B 93 8.11 -25.73 3.31
N ALA B 94 7.77 -26.67 2.43
CA ALA B 94 8.78 -27.58 1.90
C ALA B 94 9.83 -26.83 1.10
N HIS B 95 9.39 -25.83 0.33
CA HIS B 95 10.33 -24.98 -0.40
C HIS B 95 11.26 -24.25 0.56
N GLN B 96 10.73 -23.75 1.68
CA GLN B 96 11.58 -23.12 2.68
C GLN B 96 12.59 -24.10 3.25
N GLU B 97 12.19 -25.36 3.42
CA GLU B 97 13.11 -26.35 3.97
C GLU B 97 14.24 -26.62 2.99
N ARG B 98 13.91 -26.79 1.70
CA ARG B 98 14.96 -27.01 0.71
C ARG B 98 15.87 -25.82 0.58
N MET B 99 15.34 -24.60 0.73
CA MET B 99 16.21 -23.42 0.70
C MET B 99 17.10 -23.36 1.93
N ALA B 100 16.58 -23.77 3.09
CA ALA B 100 17.40 -23.90 4.28
C ALA B 100 18.47 -24.97 4.11
N ALA B 101 18.30 -25.87 3.14
CA ALA B 101 19.39 -26.76 2.73
C ALA B 101 20.37 -26.08 1.78
N ILE B 102 20.10 -24.83 1.38
CA ILE B 102 20.96 -24.07 0.47
C ILE B 102 21.20 -24.82 -0.84
N ARG B 119 23.40 -5.97 5.65
CA ARG B 119 23.73 -4.57 5.33
C ARG B 119 23.58 -4.07 3.86
N GLU B 120 23.71 -2.74 3.65
CA GLU B 120 24.02 -1.81 4.74
C GLU B 120 22.88 -1.37 5.55
N GLU B 121 23.15 -1.16 6.83
CA GLU B 121 22.19 -0.61 7.77
C GLU B 121 22.55 0.87 7.80
N ALA B 122 22.36 1.46 6.63
CA ALA B 122 22.51 2.87 6.38
C ALA B 122 21.24 3.55 6.93
N LEU B 123 20.34 2.77 7.51
CA LEU B 123 19.14 3.31 8.05
C LEU B 123 19.55 4.22 9.21
N ILE B 124 20.57 3.86 9.96
CA ILE B 124 21.01 4.67 11.09
C ILE B 124 21.39 6.08 10.70
N LYS B 125 22.09 6.22 9.63
CA LYS B 125 22.51 7.52 9.11
C LYS B 125 21.28 8.33 8.67
N ARG B 126 20.25 7.66 8.17
CA ARG B 126 19.05 8.34 7.70
C ARG B 126 18.02 8.55 8.81
N PHE B 127 17.86 7.58 9.71
CA PHE B 127 16.83 7.64 10.73
C PHE B 127 17.35 7.74 12.16
N GLY B 128 18.65 7.60 12.37
CA GLY B 128 19.22 7.69 13.70
C GLY B 128 18.86 6.50 14.57
N SER C 2 -14.25 -1.83 11.73
CA SER C 2 -12.98 -2.19 11.11
C SER C 2 -12.05 -2.84 12.13
N ILE C 3 -11.01 -3.55 11.64
CA ILE C 3 -10.03 -4.11 12.57
C ILE C 3 -8.94 -3.08 12.81
N SER C 4 -8.37 -3.12 14.01
CA SER C 4 -7.38 -2.13 14.43
C SER C 4 -6.02 -2.46 13.84
N TYR C 5 -5.20 -1.43 13.75
CA TYR C 5 -3.78 -1.58 13.47
C TYR C 5 -3.01 -1.62 14.79
N ARG C 6 -1.88 -2.31 14.78
CA ARG C 6 -0.99 -2.16 15.90
C ARG C 6 -0.39 -0.75 15.91
N LYS C 7 0.21 -0.39 17.04
CA LYS C 7 0.90 0.89 17.13
C LYS C 7 1.86 1.03 15.97
N LEU C 8 1.71 2.11 15.20
CA LEU C 8 2.44 2.23 13.94
C LEU C 8 3.89 2.57 14.21
N ASP C 9 4.80 1.74 13.69
CA ASP C 9 6.24 1.91 13.83
C ASP C 9 6.70 2.81 12.69
N ILE C 10 6.73 4.12 12.94
CA ILE C 10 7.07 5.11 11.90
C ILE C 10 8.22 5.98 12.37
N ALA C 11 9.27 6.07 11.55
CA ALA C 11 10.36 7.00 11.76
C ALA C 11 10.51 7.87 10.53
N LEU C 12 10.63 9.18 10.72
CA LEU C 12 10.85 10.11 9.63
C LEU C 12 12.35 10.32 9.43
N SER C 13 12.78 10.31 8.17
CA SER C 13 14.19 10.44 7.85
C SER C 13 14.68 11.84 8.21
N ALA C 14 16.00 11.98 8.36
CA ALA C 14 16.57 13.27 8.72
C ALA C 14 16.27 14.33 7.68
N ASP C 15 16.34 13.97 6.40
CA ASP C 15 16.00 14.93 5.34
C ASP C 15 14.50 15.01 5.07
N LYS C 16 13.69 14.26 5.81
CA LYS C 16 12.22 14.22 5.78
C LYS C 16 11.67 13.63 4.49
N GLU C 17 12.52 13.12 3.59
CA GLU C 17 12.04 12.66 2.31
C GLU C 17 11.53 11.21 2.33
N THR C 18 11.91 10.42 3.33
CA THR C 18 11.39 9.06 3.45
C THR C 18 10.95 8.78 4.88
N VAL C 19 10.15 7.72 5.02
CA VAL C 19 9.76 7.18 6.31
C VAL C 19 10.16 5.71 6.34
N LEU C 20 10.37 5.21 7.55
CA LEU C 20 10.60 3.80 7.82
C LEU C 20 9.42 3.31 8.63
N VAL C 21 8.62 2.44 8.02
CA VAL C 21 7.33 1.98 8.54
C VAL C 21 7.42 0.46 8.64
N PHE C 22 7.47 -0.07 9.86
CA PHE C 22 7.57 -1.52 10.07
C PHE C 22 8.67 -2.15 9.22
N GLY C 23 9.84 -1.49 9.19
CA GLY C 23 10.99 -1.98 8.48
C GLY C 23 11.03 -1.67 6.99
N GLN C 24 9.99 -1.02 6.46
CA GLN C 24 9.90 -0.70 5.05
C GLN C 24 10.16 0.79 4.84
N GLU C 25 11.13 1.12 3.99
CA GLU C 25 11.35 2.52 3.66
C GLU C 25 10.46 2.91 2.50
N LEU C 26 9.76 4.05 2.65
CA LEU C 26 8.87 4.58 1.62
C LEU C 26 9.12 6.07 1.48
N SER C 27 8.88 6.62 0.31
CA SER C 27 8.89 8.07 0.22
C SER C 27 7.82 8.63 1.14
N THR C 28 8.14 9.72 1.83
CA THR C 28 7.17 10.28 2.76
C THR C 28 5.86 10.64 2.07
N LYS C 29 5.93 11.22 0.87
CA LYS C 29 4.71 11.64 0.19
C LYS C 29 3.87 10.43 -0.23
N TYR C 30 4.49 9.34 -0.64
CA TYR C 30 3.70 8.14 -0.94
C TYR C 30 2.97 7.66 0.31
N PHE C 31 3.69 7.61 1.43
CA PHE C 31 3.07 7.14 2.66
C PHE C 31 1.91 8.03 3.08
N THR C 32 2.11 9.36 3.06
CA THR C 32 1.07 10.23 3.57
C THR C 32 -0.08 10.45 2.58
N GLU C 33 0.21 10.46 1.27
CA GLU C 33 -0.84 10.73 0.29
C GLU C 33 -1.61 9.48 -0.11
N ILE C 34 -0.95 8.33 -0.18
CA ILE C 34 -1.63 7.09 -0.59
C ILE C 34 -1.92 6.18 0.60
N VAL C 35 -0.88 5.80 1.36
CA VAL C 35 -1.04 4.74 2.36
C VAL C 35 -1.95 5.19 3.48
N VAL C 36 -1.64 6.33 4.11
CA VAL C 36 -2.43 6.75 5.26
C VAL C 36 -3.87 7.05 4.87
N THR C 37 -4.06 7.74 3.74
CA THR C 37 -5.42 8.03 3.27
C THR C 37 -6.21 6.74 3.11
N THR C 38 -5.57 5.70 2.55
CA THR C 38 -6.27 4.43 2.31
C THR C 38 -6.56 3.70 3.62
N MET C 39 -5.60 3.70 4.56
CA MET C 39 -5.85 3.10 5.86
C MET C 39 -7.07 3.73 6.52
N LEU C 40 -7.11 5.07 6.52
CA LEU C 40 -8.21 5.78 7.17
C LEU C 40 -9.53 5.49 6.47
N ASN C 41 -9.56 5.61 5.14
CA ASN C 41 -10.79 5.30 4.40
C ASN C 41 -11.27 3.88 4.71
N SER C 42 -10.33 2.93 4.84
CA SER C 42 -10.73 1.56 5.11
C SER C 42 -11.33 1.40 6.51
N THR C 43 -11.11 2.36 7.41
CA THR C 43 -11.83 2.30 8.69
C THR C 43 -13.31 2.67 8.58
N GLY C 44 -13.77 3.26 7.48
CA GLY C 44 -15.15 3.69 7.40
C GLY C 44 -15.45 4.81 8.37
N SER C 45 -16.38 4.59 9.30
CA SER C 45 -16.66 5.57 10.34
C SER C 45 -16.23 5.08 11.73
N ASP C 46 -15.28 4.15 11.78
CA ASP C 46 -14.80 3.58 13.05
C ASP C 46 -13.75 4.54 13.63
N MET C 47 -14.27 5.58 14.28
CA MET C 47 -13.45 6.67 14.79
C MET C 47 -12.44 6.20 15.85
N ALA C 48 -12.75 5.15 16.60
CA ALA C 48 -11.76 4.66 17.55
C ALA C 48 -10.48 4.24 16.82
N ASN C 49 -10.64 3.57 15.69
CA ASN C 49 -9.51 3.12 14.90
C ASN C 49 -8.81 4.29 14.22
N SER C 50 -9.59 5.17 13.57
CA SER C 50 -8.94 6.29 12.88
C SER C 50 -8.26 7.22 13.87
N ASN C 51 -8.82 7.42 15.06
CA ASN C 51 -8.12 8.23 16.05
C ASN C 51 -6.80 7.60 16.44
N ARG C 52 -6.77 6.26 16.61
CA ARG C 52 -5.49 5.60 16.91
C ARG C 52 -4.47 5.81 15.80
N ILE C 53 -4.90 5.65 14.54
CA ILE C 53 -4.00 5.87 13.40
C ILE C 53 -3.44 7.29 13.44
N LEU C 54 -4.32 8.28 13.63
CA LEU C 54 -3.88 9.66 13.54
C LEU C 54 -3.01 10.05 14.74
N ASN C 55 -3.25 9.46 15.90
CA ASN C 55 -2.33 9.69 17.01
C ASN C 55 -0.93 9.17 16.67
N ASP C 56 -0.85 8.01 16.01
CA ASP C 56 0.48 7.51 15.62
C ASP C 56 1.12 8.36 14.53
N ILE C 57 0.31 8.87 13.59
CA ILE C 57 0.82 9.77 12.56
C ILE C 57 1.40 11.02 13.21
N HIS C 58 0.64 11.61 14.13
CA HIS C 58 1.07 12.81 14.83
C HIS C 58 2.34 12.56 15.63
N ALA C 59 2.39 11.43 16.34
CA ALA C 59 3.54 11.09 17.17
C ALA C 59 4.80 10.95 16.34
N ALA C 60 4.66 10.52 15.08
CA ALA C 60 5.82 10.35 14.22
C ALA C 60 6.35 11.65 13.61
N GLY C 61 5.69 12.78 13.85
CA GLY C 61 6.12 14.01 13.23
C GLY C 61 5.45 14.30 11.90
N LEU C 62 4.44 13.52 11.53
CA LEU C 62 3.69 13.74 10.30
C LEU C 62 2.44 14.55 10.60
N ASP C 63 1.78 15.02 9.54
CA ASP C 63 0.64 15.91 9.68
C ASP C 63 -0.66 15.12 9.78
N ALA C 64 -1.18 15.00 11.00
CA ALA C 64 -2.43 14.30 11.22
C ALA C 64 -3.66 15.13 10.87
N GLY C 65 -3.47 16.38 10.46
CA GLY C 65 -4.61 17.22 10.10
C GLY C 65 -5.03 17.20 8.65
N ASP C 66 -4.37 16.40 7.80
CA ASP C 66 -4.54 16.46 6.36
C ASP C 66 -5.60 15.47 5.84
N TYR C 67 -6.46 14.93 6.71
CA TYR C 67 -7.34 13.82 6.33
C TYR C 67 -8.81 14.11 6.61
N GLY C 68 -9.25 15.33 6.27
CA GLY C 68 -10.67 15.63 6.22
C GLY C 68 -11.42 15.22 7.47
N LYS C 69 -12.54 14.52 7.28
CA LYS C 69 -13.39 14.17 8.42
C LYS C 69 -12.62 13.41 9.49
N TYR C 70 -11.68 12.55 9.09
CA TYR C 70 -10.92 11.80 10.08
C TYR C 70 -10.10 12.75 10.93
N SER C 71 -9.51 13.77 10.30
CA SER C 71 -8.76 14.75 11.06
C SER C 71 -9.66 15.57 11.98
N ARG C 72 -10.87 15.92 11.51
CA ARG C 72 -11.78 16.72 12.32
C ARG C 72 -12.23 15.95 13.55
N TRP C 73 -12.60 14.67 13.38
CA TRP C 73 -12.92 13.81 14.52
C TRP C 73 -11.75 13.73 15.48
N TRP C 74 -10.55 13.51 14.93
CA TRP C 74 -9.36 13.35 15.78
C TRP C 74 -9.05 14.62 16.57
N ALA C 75 -9.22 15.78 15.97
CA ALA C 75 -8.84 17.02 16.64
C ALA C 75 -9.68 17.30 17.88
N GLN C 76 -10.90 16.76 17.94
CA GLN C 76 -11.75 16.93 19.11
C GLN C 76 -11.82 15.68 19.97
N SER C 77 -11.00 14.68 19.68
CA SER C 77 -10.99 13.40 20.37
C SER C 77 -10.28 13.54 21.71
N ASN C 78 -10.16 12.42 22.42
CA ASN C 78 -9.65 12.36 23.79
C ASN C 78 -8.36 13.15 23.94
N ALA C 79 -8.43 14.22 24.74
CA ALA C 79 -7.32 15.15 24.87
C ALA C 79 -6.09 14.49 25.45
N GLN C 80 -6.25 13.58 26.41
CA GLN C 80 -5.07 12.98 27.00
C GLN C 80 -4.36 12.07 25.99
N GLU C 81 -5.12 11.33 25.20
CA GLU C 81 -4.48 10.48 24.18
C GLU C 81 -3.78 11.34 23.13
N ARG C 82 -4.41 12.46 22.73
CA ARG C 82 -3.73 13.39 21.82
C ARG C 82 -2.45 13.93 22.45
N GLN C 83 -2.48 14.21 23.76
CA GLN C 83 -1.30 14.77 24.41
C GLN C 83 -0.18 13.74 24.53
N GLU C 84 -0.51 12.46 24.75
CA GLU C 84 0.51 11.42 24.71
C GLU C 84 1.16 11.36 23.34
N ALA C 85 0.34 11.49 22.28
CA ALA C 85 0.91 11.57 20.94
C ALA C 85 1.82 12.78 20.79
N GLU C 86 1.40 13.91 21.36
CA GLU C 86 2.21 15.13 21.29
C GLU C 86 3.55 14.97 22.00
N ARG C 87 3.56 14.31 23.16
CA ARG C 87 4.83 14.05 23.83
C ARG C 87 5.75 13.23 22.94
N ARG C 88 5.21 12.18 22.31
CA ARG C 88 6.05 11.40 21.39
C ARG C 88 6.53 12.27 20.22
N ARG C 89 5.67 13.17 19.73
CA ARG C 89 6.04 14.04 18.63
C ARG C 89 7.19 14.95 19.02
N LYS C 90 7.11 15.54 20.21
CA LYS C 90 8.17 16.43 20.67
C LYS C 90 9.48 15.68 20.86
N GLU C 91 9.41 14.44 21.35
CA GLU C 91 10.61 13.63 21.45
C GLU C 91 11.19 13.33 20.07
N ALA C 92 10.33 13.08 19.08
CA ALA C 92 10.80 12.87 17.72
C ALA C 92 11.46 14.13 17.16
N LYS C 93 10.87 15.31 17.45
CA LYS C 93 11.45 16.55 16.96
C LYS C 93 12.81 16.82 17.61
N ALA C 94 12.94 16.51 18.90
CA ALA C 94 14.26 16.61 19.54
C ALA C 94 15.25 15.68 18.88
N HIS C 95 14.80 14.47 18.51
CA HIS C 95 15.64 13.56 17.76
C HIS C 95 16.09 14.17 16.43
N GLN C 96 15.16 14.82 15.72
CA GLN C 96 15.53 15.49 14.48
C GLN C 96 16.54 16.61 14.73
N GLU C 97 16.40 17.31 15.85
CA GLU C 97 17.29 18.43 16.16
C GLU C 97 18.71 17.94 16.44
N ARG C 98 18.86 16.87 17.21
CA ARG C 98 20.20 16.36 17.48
C ARG C 98 20.85 15.90 16.18
N MET C 99 22.09 16.33 15.96
CA MET C 99 22.69 16.26 14.64
C MET C 99 24.21 16.11 14.73
N ALA C 100 24.82 15.89 13.57
CA ALA C 100 26.26 15.71 13.45
C ALA C 100 26.70 15.89 11.99
N ARG C 119 22.66 11.20 -7.61
CA ARG C 119 22.30 10.36 -8.73
C ARG C 119 20.90 9.86 -8.53
N GLU C 120 20.14 10.73 -7.87
CA GLU C 120 18.78 10.50 -7.53
C GLU C 120 18.02 10.28 -8.85
N GLU C 121 18.67 10.39 -10.00
CA GLU C 121 17.96 10.23 -11.27
C GLU C 121 18.79 10.07 -12.50
N ALA C 122 18.99 8.86 -13.03
CA ALA C 122 18.50 7.60 -12.49
C ALA C 122 17.02 7.20 -12.61
N LEU C 123 16.17 8.10 -12.21
CA LEU C 123 14.76 7.96 -12.48
C LEU C 123 14.52 8.55 -13.86
N ILE C 124 15.39 9.43 -14.30
CA ILE C 124 15.24 10.04 -15.60
C ILE C 124 15.38 8.97 -16.67
N LYS C 125 16.38 8.13 -16.57
CA LYS C 125 16.54 7.08 -17.53
C LYS C 125 15.30 6.19 -17.57
N ARG C 126 14.59 6.08 -16.46
CA ARG C 126 13.43 5.18 -16.39
C ARG C 126 12.11 5.83 -16.72
N PHE C 127 11.93 7.03 -16.24
CA PHE C 127 10.70 7.75 -16.38
C PHE C 127 10.75 9.06 -17.18
N GLY C 128 11.93 9.52 -17.55
CA GLY C 128 12.08 10.81 -18.17
C GLY C 128 11.72 11.99 -17.30
N ASN C 129 11.06 11.77 -16.16
CA ASN C 129 10.63 12.83 -15.26
C ASN C 129 10.20 12.23 -13.92
MG MG D . 1.76 0.02 -0.19
S SO4 E . -2.18 0.13 0.84
O1 SO4 E . -3.63 0.17 1.05
O2 SO4 E . -1.76 1.29 0.06
O3 SO4 E . -1.82 -1.09 0.11
O4 SO4 E . -1.52 0.15 2.14
#